data_9KWV
#
_entry.id   9KWV
#
_cell.length_a   115.371
_cell.length_b   115.371
_cell.length_c   84.336
_cell.angle_alpha   90.00
_cell.angle_beta   90.00
_cell.angle_gamma   120.00
#
_symmetry.space_group_name_H-M   'H 3'
#
loop_
_entity.id
_entity.type
_entity.pdbx_description
1 polymer 'Copper-containing nitrite reductase'
2 non-polymer 'COPPER (II) ION'
3 non-polymer (4S)-2-METHYL-2,4-PENTANEDIOL
4 non-polymer 'NITRITE ION'
5 non-polymer 'CHLORIDE ION'
6 water water
#
_entity_poly.entity_id   1
_entity_poly.type   'polypeptide(L)'
_entity_poly.pdbx_seq_one_letter_code
;MESKNKTAATQQSEPNVIAAHKGVNQAPVPLKMERVGPHDVHIEMTAQITDIEIDKGKIYKAWTFNGQAPGPLVVVNEGD
TIHFTLKNMDPVVPHSMNFHAVHASPSKDFIDVMPNKSGTFTYPANKPGVFMYHAATKPVLQHIANGMHGVIIVKPKNGY
PTDKEVDREYVLIQNEWYKYNDMNDFQNGVPSYVVFSSKALKPGDPNTNGDTFTLKEKPLLAKVGEKIRLYINNVGPNEV
SSFHVVGTVFDDVYLDGNPNNHLQGMQTVMLPASGGAVVEFTVTRPGTYPIVTHQFNHAQKGAVAMLKVTETGEDDGTET
SGH
;
_entity_poly.pdbx_strand_id   A
#
loop_
_chem_comp.id
_chem_comp.type
_chem_comp.name
_chem_comp.formula
CL non-polymer 'CHLORIDE ION' 'Cl -1'
CU non-polymer 'COPPER (II) ION' 'Cu 2'
MPD non-polymer (4S)-2-METHYL-2,4-PENTANEDIOL 'C6 H14 O2'
NO2 non-polymer 'NITRITE ION' 'N O2 -1'
#
# COMPACT_ATOMS: atom_id res chain seq x y z
N ASN A 16 13.31 6.66 22.08
CA ASN A 16 13.06 5.26 21.77
C ASN A 16 13.84 4.76 20.55
N VAL A 17 14.97 5.41 20.25
CA VAL A 17 15.80 5.05 19.09
C VAL A 17 16.90 4.10 19.54
N ILE A 18 16.77 2.84 19.13
CA ILE A 18 17.76 1.78 19.25
C ILE A 18 19.16 2.31 18.96
N ALA A 19 20.15 1.99 19.81
CA ALA A 19 21.49 2.54 19.66
C ALA A 19 22.03 2.30 18.24
N ALA A 20 21.86 1.09 17.73
CA ALA A 20 22.39 0.73 16.42
C ALA A 20 21.64 1.38 15.27
N HIS A 21 20.53 2.07 15.52
CA HIS A 21 19.82 2.82 14.48
C HIS A 21 20.11 4.32 14.52
N LYS A 22 20.82 4.81 15.54
CA LYS A 22 21.10 6.23 15.60
C LYS A 22 21.94 6.66 14.40
N GLY A 23 21.47 7.70 13.72
CA GLY A 23 22.12 8.21 12.54
C GLY A 23 21.97 7.36 11.30
N VAL A 24 21.23 6.26 11.35
CA VAL A 24 21.10 5.36 10.20
C VAL A 24 19.97 5.85 9.30
N ASN A 25 20.28 5.98 8.01
CA ASN A 25 19.28 6.39 7.03
C ASN A 25 19.69 5.74 5.70
N GLN A 26 19.16 4.54 5.47
CA GLN A 26 19.55 3.74 4.33
C GLN A 26 18.77 4.20 3.11
N ALA A 27 19.48 4.51 2.03
N ALA A 27 19.48 4.62 2.07
CA ALA A 27 18.85 5.02 0.83
CA ALA A 27 18.81 5.21 0.93
C ALA A 27 17.84 4.02 0.29
C ALA A 27 17.88 4.18 0.28
N PRO A 28 16.72 4.48 -0.27
N PRO A 28 16.66 4.56 -0.10
CA PRO A 28 15.77 3.56 -0.90
CA PRO A 28 15.77 3.61 -0.76
C PRO A 28 16.44 2.68 -1.97
C PRO A 28 16.41 2.97 -1.98
N VAL A 29 16.03 1.42 -1.98
N VAL A 29 15.98 1.75 -2.28
CA VAL A 29 16.50 0.43 -2.95
CA VAL A 29 16.44 1.00 -3.45
C VAL A 29 15.30 0.03 -3.81
C VAL A 29 15.22 0.45 -4.16
N PRO A 30 15.42 0.05 -5.14
N PRO A 30 15.28 0.23 -5.47
CA PRO A 30 14.26 -0.31 -5.97
CA PRO A 30 14.09 -0.23 -6.19
C PRO A 30 13.79 -1.75 -5.72
C PRO A 30 13.76 -1.70 -5.90
N LEU A 31 12.47 -1.94 -5.76
CA LEU A 31 11.93 -3.29 -5.81
C LEU A 31 12.47 -4.00 -7.04
N LYS A 32 12.79 -5.28 -6.90
CA LYS A 32 13.14 -6.13 -8.03
C LYS A 32 12.06 -7.17 -8.22
N MET A 33 11.56 -7.29 -9.44
N MET A 33 11.65 -7.36 -9.46
CA MET A 33 10.61 -8.34 -9.79
CA MET A 33 10.65 -8.36 -9.78
C MET A 33 10.91 -8.80 -11.20
C MET A 33 10.82 -8.80 -11.22
N GLU A 34 10.77 -10.10 -11.45
CA GLU A 34 10.85 -10.62 -12.80
C GLU A 34 10.03 -11.89 -12.90
N ARG A 35 9.31 -12.02 -14.02
CA ARG A 35 8.59 -13.25 -14.30
C ARG A 35 9.56 -14.34 -14.72
N VAL A 36 9.40 -15.52 -14.14
CA VAL A 36 10.27 -16.66 -14.43
C VAL A 36 9.53 -17.83 -15.04
N GLY A 37 8.21 -17.74 -15.18
CA GLY A 37 7.42 -18.74 -15.87
C GLY A 37 6.03 -18.19 -16.08
N PRO A 38 5.20 -18.89 -16.85
N PRO A 38 5.21 -18.87 -16.89
CA PRO A 38 3.82 -18.40 -17.10
CA PRO A 38 3.84 -18.42 -17.10
C PRO A 38 3.03 -18.21 -15.82
C PRO A 38 3.06 -18.19 -15.81
N HIS A 39 3.37 -18.92 -14.74
CA HIS A 39 2.69 -18.80 -13.47
C HIS A 39 3.66 -18.70 -12.29
N ASP A 40 4.84 -18.11 -12.52
CA ASP A 40 5.85 -17.99 -11.47
C ASP A 40 6.57 -16.66 -11.60
N VAL A 41 6.76 -15.98 -10.46
N VAL A 41 6.70 -15.95 -10.48
CA VAL A 41 7.31 -14.62 -10.41
CA VAL A 41 7.39 -14.67 -10.44
C VAL A 41 8.28 -14.48 -9.25
C VAL A 41 8.40 -14.68 -9.30
N HIS A 42 9.49 -13.96 -9.52
CA HIS A 42 10.46 -13.63 -8.49
C HIS A 42 10.25 -12.21 -8.00
N ILE A 43 10.35 -12.04 -6.68
CA ILE A 43 10.30 -10.73 -6.03
C ILE A 43 11.44 -10.66 -5.03
N GLU A 44 12.18 -9.55 -5.04
N GLU A 44 12.20 -9.57 -5.07
CA GLU A 44 13.20 -9.32 -4.03
CA GLU A 44 13.24 -9.33 -4.07
C GLU A 44 13.00 -7.95 -3.42
C GLU A 44 12.99 -7.97 -3.43
N MET A 45 12.83 -7.92 -2.10
N MET A 45 13.00 -7.95 -2.10
CA MET A 45 12.73 -6.72 -1.29
CA MET A 45 12.78 -6.74 -1.34
C MET A 45 13.89 -6.66 -0.31
C MET A 45 13.78 -6.69 -0.19
N THR A 46 14.07 -5.47 0.27
CA THR A 46 14.94 -5.26 1.42
C THR A 46 14.08 -4.94 2.63
N ALA A 47 14.64 -5.18 3.80
CA ALA A 47 14.21 -4.56 5.05
C ALA A 47 15.29 -3.55 5.42
N GLN A 48 14.90 -2.29 5.62
CA GLN A 48 15.89 -1.24 5.82
C GLN A 48 15.29 -0.10 6.63
N ILE A 49 16.18 0.68 7.22
CA ILE A 49 15.85 1.75 8.16
C ILE A 49 16.06 3.07 7.43
N THR A 50 14.98 3.86 7.27
CA THR A 50 14.98 5.00 6.36
C THR A 50 14.15 6.13 6.97
N ASP A 51 14.71 7.34 6.96
CA ASP A 51 14.01 8.53 7.44
C ASP A 51 12.97 8.99 6.42
N ILE A 52 11.73 9.14 6.88
CA ILE A 52 10.61 9.58 6.06
C ILE A 52 9.97 10.80 6.72
N GLU A 53 9.68 11.83 5.94
CA GLU A 53 9.00 13.02 6.45
C GLU A 53 7.49 12.78 6.41
N ILE A 54 6.92 12.47 7.57
CA ILE A 54 5.50 12.06 7.63
C ILE A 54 4.56 13.25 7.78
N ASP A 55 5.06 14.37 8.29
CA ASP A 55 4.35 15.65 8.36
C ASP A 55 5.44 16.71 8.22
N LYS A 56 5.06 17.95 7.88
N LYS A 56 5.03 17.95 7.91
CA LYS A 56 6.09 18.93 7.61
CA LYS A 56 6.01 19.03 7.76
C LYS A 56 6.92 19.20 8.86
C LYS A 56 6.92 19.10 8.98
N GLY A 57 8.22 18.97 8.76
CA GLY A 57 9.15 19.09 9.86
C GLY A 57 9.25 17.89 10.77
N LYS A 58 8.55 16.79 10.48
N LYS A 58 8.55 16.80 10.47
CA LYS A 58 8.49 15.62 11.35
CA LYS A 58 8.50 15.62 11.34
C LYS A 58 9.06 14.40 10.62
C LYS A 58 9.10 14.45 10.58
N ILE A 59 10.26 13.97 11.05
CA ILE A 59 10.92 12.80 10.48
C ILE A 59 10.62 11.60 11.34
N TYR A 60 10.26 10.49 10.71
CA TYR A 60 10.09 9.19 11.36
C TYR A 60 11.15 8.26 10.78
N LYS A 61 12.02 7.72 11.63
CA LYS A 61 13.07 6.78 11.20
C LYS A 61 12.42 5.40 11.08
N ALA A 62 11.79 5.20 9.92
CA ALA A 62 10.87 4.09 9.74
C ALA A 62 11.60 2.75 9.51
N TRP A 63 10.91 1.70 9.93
CA TRP A 63 11.25 0.33 9.57
C TRP A 63 10.50 0.02 8.29
N THR A 64 11.23 -0.23 7.19
CA THR A 64 10.63 -0.24 5.87
C THR A 64 11.02 -1.45 5.06
N PHE A 65 10.18 -1.73 4.06
CA PHE A 65 10.58 -2.48 2.88
C PHE A 65 11.06 -1.49 1.83
N ASN A 66 12.34 -1.58 1.45
CA ASN A 66 12.88 -0.87 0.29
C ASN A 66 12.96 0.64 0.50
N GLY A 67 12.86 1.12 1.73
CA GLY A 67 12.97 2.55 1.99
C GLY A 67 11.70 3.32 1.74
N GLN A 68 10.56 2.64 1.58
CA GLN A 68 9.25 3.27 1.41
C GLN A 68 8.36 2.81 2.55
N ALA A 69 7.44 3.67 3.00
CA ALA A 69 6.41 3.25 3.95
C ALA A 69 5.12 3.96 3.60
N PRO A 70 4.03 3.25 3.25
CA PRO A 70 4.00 1.82 2.93
C PRO A 70 5.06 1.44 1.88
N GLY A 71 5.33 0.14 1.80
CA GLY A 71 6.34 -0.37 0.91
C GLY A 71 5.94 -0.29 -0.56
N PRO A 72 6.84 -0.76 -1.43
CA PRO A 72 6.57 -0.70 -2.87
C PRO A 72 5.37 -1.57 -3.27
N LEU A 73 4.68 -1.15 -4.32
CA LEU A 73 3.57 -1.94 -4.84
C LEU A 73 4.08 -3.21 -5.52
N VAL A 74 3.40 -4.32 -5.25
CA VAL A 74 3.59 -5.59 -5.95
C VAL A 74 2.31 -5.88 -6.72
N VAL A 75 2.43 -6.23 -8.01
CA VAL A 75 1.30 -6.67 -8.82
C VAL A 75 1.65 -8.02 -9.45
N VAL A 76 0.79 -9.01 -9.24
CA VAL A 76 0.92 -10.32 -9.87
C VAL A 76 -0.44 -10.71 -10.45
N ASN A 77 -0.45 -11.83 -11.17
CA ASN A 77 -1.67 -12.40 -11.73
C ASN A 77 -2.20 -13.51 -10.84
N GLU A 78 -3.53 -13.64 -10.80
CA GLU A 78 -4.16 -14.77 -10.14
C GLU A 78 -3.51 -16.07 -10.63
N GLY A 79 -3.13 -16.93 -9.70
CA GLY A 79 -2.49 -18.18 -10.03
C GLY A 79 -0.98 -18.15 -10.10
N ASP A 80 -0.35 -16.98 -9.91
CA ASP A 80 1.10 -16.90 -9.87
C ASP A 80 1.61 -17.42 -8.52
N THR A 81 2.67 -18.22 -8.59
CA THR A 81 3.46 -18.54 -7.42
C THR A 81 4.60 -17.54 -7.30
N ILE A 82 4.75 -17.01 -6.11
CA ILE A 82 5.72 -15.97 -5.78
C ILE A 82 6.93 -16.62 -5.11
N HIS A 83 8.13 -16.32 -5.62
CA HIS A 83 9.39 -16.80 -5.04
C HIS A 83 10.00 -15.52 -4.48
N PHE A 84 9.81 -15.31 -3.17
CA PHE A 84 10.07 -14.03 -2.53
C PHE A 84 11.37 -14.09 -1.74
N THR A 85 12.26 -13.13 -1.96
CA THR A 85 13.48 -13.00 -1.20
C THR A 85 13.47 -11.69 -0.42
N LEU A 86 13.79 -11.76 0.87
CA LEU A 86 13.98 -10.60 1.71
C LEU A 86 15.45 -10.51 2.12
N LYS A 87 16.06 -9.37 1.83
N LYS A 87 16.08 -9.37 1.81
CA LYS A 87 17.44 -9.06 2.22
CA LYS A 87 17.43 -9.07 2.23
C LYS A 87 17.39 -8.07 3.39
C LYS A 87 17.35 -8.09 3.40
N ASN A 88 17.77 -8.52 4.57
CA ASN A 88 17.65 -7.70 5.78
C ASN A 88 18.89 -6.84 5.96
N MET A 89 18.73 -5.53 5.72
N MET A 89 18.74 -5.54 5.72
CA MET A 89 19.81 -4.55 5.86
CA MET A 89 19.83 -4.58 5.88
C MET A 89 19.85 -3.92 7.25
C MET A 89 19.86 -3.95 7.27
N ASP A 90 18.87 -4.22 8.10
CA ASP A 90 18.87 -3.68 9.46
C ASP A 90 20.05 -4.27 10.21
N PRO A 91 20.86 -3.46 10.91
CA PRO A 91 22.02 -4.02 11.59
C PRO A 91 21.70 -4.87 12.80
N VAL A 92 20.50 -4.77 13.39
CA VAL A 92 20.22 -5.47 14.64
C VAL A 92 18.85 -6.14 14.76
N VAL A 93 17.81 -5.68 14.06
CA VAL A 93 16.46 -6.21 14.23
C VAL A 93 16.15 -7.22 13.14
N PRO A 94 15.67 -8.42 13.47
CA PRO A 94 15.15 -9.33 12.44
C PRO A 94 13.86 -8.78 11.83
N HIS A 95 13.62 -9.14 10.57
CA HIS A 95 12.37 -8.80 9.89
C HIS A 95 11.90 -9.99 9.08
N SER A 96 10.72 -9.89 8.48
CA SER A 96 10.06 -11.00 7.81
C SER A 96 8.95 -10.45 6.94
N MET A 97 8.25 -11.35 6.22
CA MET A 97 7.19 -10.95 5.30
C MET A 97 6.01 -11.92 5.38
N ASN A 98 4.82 -11.30 5.44
CA ASN A 98 3.52 -11.99 5.40
C ASN A 98 2.75 -11.33 4.26
N PHE A 99 2.41 -12.04 3.20
CA PHE A 99 1.50 -11.52 2.16
C PHE A 99 0.10 -12.07 2.43
N HIS A 100 -0.90 -11.20 2.59
CA HIS A 100 -2.28 -11.69 2.77
C HIS A 100 -2.80 -12.37 1.51
N ALA A 101 -2.15 -12.18 0.36
CA ALA A 101 -2.58 -12.81 -0.87
C ALA A 101 -2.38 -14.32 -0.87
N VAL A 102 -1.45 -14.85 -0.10
CA VAL A 102 -0.94 -16.19 -0.35
C VAL A 102 -1.46 -17.21 0.65
N HIS A 103 -1.45 -18.47 0.19
CA HIS A 103 -1.60 -19.63 1.06
C HIS A 103 -0.21 -20.14 1.43
N ALA A 104 0.09 -20.15 2.72
CA ALA A 104 1.43 -20.49 3.20
C ALA A 104 1.34 -21.03 4.62
N SER A 105 2.42 -21.71 5.04
CA SER A 105 2.58 -22.11 6.44
C SER A 105 3.21 -20.95 7.18
N PRO A 106 2.50 -20.27 8.10
CA PRO A 106 3.13 -19.08 8.69
C PRO A 106 4.42 -19.40 9.44
N SER A 107 4.46 -20.54 10.13
CA SER A 107 5.61 -20.91 10.94
C SER A 107 6.78 -21.47 10.14
N LYS A 108 6.62 -21.69 8.84
N LYS A 108 6.63 -21.69 8.84
CA LYS A 108 7.71 -22.09 7.96
CA LYS A 108 7.74 -22.05 7.97
C LYS A 108 8.04 -21.08 6.88
C LYS A 108 8.07 -20.97 6.95
N ASP A 109 7.06 -20.30 6.44
CA ASP A 109 7.21 -19.44 5.27
C ASP A 109 7.22 -17.95 5.57
N PHE A 110 6.74 -17.52 6.75
CA PHE A 110 6.72 -16.13 7.16
C PHE A 110 7.72 -15.88 8.29
N ILE A 111 8.83 -16.61 8.29
CA ILE A 111 9.79 -16.60 9.38
C ILE A 111 10.84 -15.50 9.25
N ASP A 112 11.56 -15.26 10.35
CA ASP A 112 12.49 -14.16 10.42
C ASP A 112 13.74 -14.38 9.55
N VAL A 113 14.22 -13.27 9.01
CA VAL A 113 15.51 -13.15 8.35
C VAL A 113 16.38 -12.26 9.24
N MET A 114 17.53 -12.78 9.64
N MET A 114 17.55 -12.79 9.62
CA MET A 114 18.37 -12.08 10.59
CA MET A 114 18.42 -12.11 10.56
C MET A 114 19.15 -10.94 9.91
C MET A 114 19.10 -10.90 9.91
N PRO A 115 19.63 -9.98 10.71
CA PRO A 115 20.45 -8.89 10.16
C PRO A 115 21.55 -9.39 9.24
N ASN A 116 21.68 -8.70 8.10
CA ASN A 116 22.72 -8.97 7.10
C ASN A 116 22.59 -10.33 6.44
N LYS A 117 21.40 -10.93 6.50
CA LYS A 117 21.13 -12.20 5.85
C LYS A 117 19.97 -12.01 4.87
N SER A 118 19.78 -13.03 4.03
N SER A 118 19.74 -13.07 4.08
N SER A 118 19.76 -13.08 4.10
CA SER A 118 18.63 -13.11 3.15
CA SER A 118 18.63 -13.10 3.14
CA SER A 118 18.71 -13.19 3.11
C SER A 118 17.89 -14.42 3.39
C SER A 118 17.92 -14.44 3.23
C SER A 118 17.89 -14.43 3.41
N GLY A 119 16.61 -14.41 3.04
CA GLY A 119 15.81 -15.61 3.06
C GLY A 119 14.85 -15.61 1.88
N THR A 120 14.57 -16.80 1.36
CA THR A 120 13.69 -16.99 0.21
C THR A 120 12.57 -17.97 0.57
N PHE A 121 11.35 -17.61 0.18
CA PHE A 121 10.12 -18.30 0.53
C PHE A 121 9.24 -18.35 -0.69
N THR A 122 8.53 -19.46 -0.91
N THR A 122 8.56 -19.47 -0.93
CA THR A 122 7.72 -19.64 -2.12
CA THR A 122 7.71 -19.61 -2.12
C THR A 122 6.30 -20.02 -1.76
C THR A 122 6.29 -19.95 -1.69
N TYR A 123 5.33 -19.36 -2.38
CA TYR A 123 3.93 -19.59 -2.05
C TYR A 123 3.01 -19.05 -3.15
N PRO A 124 1.84 -19.66 -3.34
CA PRO A 124 0.92 -19.24 -4.41
C PRO A 124 -0.06 -18.16 -4.00
N ALA A 125 -0.37 -17.30 -4.98
CA ALA A 125 -1.41 -16.26 -4.92
C ALA A 125 -2.58 -16.74 -5.78
N ASN A 126 -3.52 -17.46 -5.18
N ASN A 126 -3.50 -17.47 -5.13
CA ASN A 126 -4.60 -18.06 -5.96
CA ASN A 126 -4.61 -18.16 -5.73
C ASN A 126 -5.94 -17.34 -5.80
C ASN A 126 -5.85 -17.29 -5.92
N LYS A 127 -5.92 -16.12 -5.28
CA LYS A 127 -7.16 -15.37 -5.09
C LYS A 127 -7.01 -13.93 -5.60
N PRO A 128 -7.92 -13.43 -6.43
CA PRO A 128 -7.79 -12.05 -6.91
C PRO A 128 -8.09 -11.05 -5.80
N GLY A 129 -7.43 -9.90 -5.82
CA GLY A 129 -7.81 -8.83 -4.92
C GLY A 129 -6.69 -7.88 -4.55
N VAL A 130 -6.99 -7.07 -3.52
CA VAL A 130 -6.13 -5.98 -3.07
C VAL A 130 -5.76 -6.29 -1.62
N PHE A 131 -4.58 -6.88 -1.44
CA PHE A 131 -4.17 -7.52 -0.20
C PHE A 131 -3.11 -6.72 0.54
N MET A 132 -3.19 -6.71 1.87
CA MET A 132 -2.11 -6.16 2.64
C MET A 132 -0.92 -7.13 2.68
N TYR A 133 0.28 -6.57 2.75
CA TYR A 133 1.46 -7.31 3.18
C TYR A 133 2.11 -6.55 4.33
N HIS A 134 2.89 -7.27 5.15
CA HIS A 134 3.49 -6.64 6.32
C HIS A 134 4.49 -7.61 6.94
N ALA A 135 5.33 -7.09 7.83
CA ALA A 135 6.24 -7.97 8.55
C ALA A 135 5.49 -8.84 9.55
N ALA A 136 6.03 -10.03 9.81
N ALA A 136 6.01 -10.05 9.76
CA ALA A 136 5.41 -11.04 10.67
CA ALA A 136 5.42 -11.05 10.63
C ALA A 136 6.17 -11.26 11.96
C ALA A 136 6.33 -11.37 11.82
N THR A 137 7.16 -10.44 12.24
CA THR A 137 8.07 -10.63 13.36
C THR A 137 7.43 -10.10 14.63
N LYS A 138 7.48 -10.89 15.71
N LYS A 138 7.49 -10.89 15.70
CA LYS A 138 6.89 -10.48 16.97
CA LYS A 138 6.88 -10.47 16.96
C LYS A 138 7.72 -9.35 17.59
C LYS A 138 7.71 -9.35 17.59
N PRO A 139 7.07 -8.30 18.15
CA PRO A 139 5.63 -8.02 18.12
C PRO A 139 5.23 -7.43 16.78
N VAL A 140 4.24 -8.05 16.13
CA VAL A 140 3.83 -7.60 14.82
C VAL A 140 3.35 -6.15 14.86
N LEU A 141 2.64 -5.76 15.92
CA LEU A 141 2.20 -4.37 16.05
C LEU A 141 3.37 -3.41 15.91
N GLN A 142 4.50 -3.73 16.55
CA GLN A 142 5.67 -2.84 16.49
C GLN A 142 6.18 -2.68 15.06
N HIS A 143 6.27 -3.80 14.33
CA HIS A 143 6.77 -3.74 12.96
C HIS A 143 5.82 -3.00 12.04
N ILE A 144 4.51 -3.26 12.15
CA ILE A 144 3.56 -2.54 11.31
C ILE A 144 3.58 -1.05 11.64
N ALA A 145 3.43 -0.72 12.93
CA ALA A 145 3.37 0.69 13.30
C ALA A 145 4.63 1.45 12.87
N ASN A 146 5.79 0.81 12.91
CA ASN A 146 7.02 1.49 12.51
C ASN A 146 7.19 1.61 11.00
N GLY A 147 6.30 1.02 10.19
CA GLY A 147 6.29 1.25 8.75
C GLY A 147 6.27 0.02 7.86
N MET A 148 6.30 -1.20 8.40
CA MET A 148 6.50 -2.40 7.58
C MET A 148 5.13 -2.96 7.15
N HIS A 149 4.54 -2.26 6.19
CA HIS A 149 3.24 -2.57 5.60
C HIS A 149 3.29 -2.20 4.12
N GLY A 150 2.30 -2.67 3.38
CA GLY A 150 2.24 -2.44 1.94
C GLY A 150 1.06 -3.18 1.35
N VAL A 151 0.96 -3.12 0.02
CA VAL A 151 -0.10 -3.75 -0.75
C VAL A 151 0.48 -4.61 -1.88
N ILE A 152 -0.13 -5.79 -2.05
CA ILE A 152 0.03 -6.62 -3.23
C ILE A 152 -1.34 -6.75 -3.90
N ILE A 153 -1.38 -6.45 -5.19
CA ILE A 153 -2.57 -6.62 -6.02
C ILE A 153 -2.41 -7.91 -6.82
N VAL A 154 -3.46 -8.73 -6.82
CA VAL A 154 -3.54 -9.96 -7.61
C VAL A 154 -4.65 -9.74 -8.63
N LYS A 155 -4.27 -9.66 -9.91
CA LYS A 155 -5.23 -9.36 -10.98
C LYS A 155 -6.12 -10.57 -11.30
N PRO A 156 -7.43 -10.40 -11.37
N PRO A 156 -7.44 -10.41 -11.30
CA PRO A 156 -8.30 -11.55 -11.63
CA PRO A 156 -8.32 -11.54 -11.65
C PRO A 156 -8.17 -12.04 -13.07
C PRO A 156 -8.03 -12.08 -13.04
N LYS A 157 -8.11 -13.37 -13.20
N LYS A 157 -8.15 -13.41 -13.19
CA LYS A 157 -7.93 -13.98 -14.51
CA LYS A 157 -8.06 -14.00 -14.52
C LYS A 157 -8.90 -13.42 -15.55
C LYS A 157 -9.32 -13.76 -15.33
N ASN A 158 -10.16 -13.23 -15.15
N ASN A 158 -10.47 -13.61 -14.66
CA ASN A 158 -11.20 -12.76 -16.07
CA ASN A 158 -11.73 -13.36 -15.33
C ASN A 158 -11.56 -11.30 -15.84
C ASN A 158 -12.05 -11.88 -15.44
N GLY A 159 -10.71 -10.54 -15.14
N GLY A 159 -11.17 -11.02 -14.95
CA GLY A 159 -10.99 -9.14 -14.93
CA GLY A 159 -11.39 -9.58 -15.00
C GLY A 159 -12.17 -8.90 -13.98
C GLY A 159 -12.48 -9.15 -14.02
N TYR A 160 -12.70 -7.67 -14.06
N TYR A 160 -12.69 -7.83 -13.99
CA TYR A 160 -13.92 -7.25 -13.38
CA TYR A 160 -13.85 -7.27 -13.32
C TYR A 160 -14.99 -6.97 -14.43
C TYR A 160 -14.91 -6.95 -14.36
N PRO A 161 -16.28 -7.14 -14.09
N PRO A 161 -16.19 -7.17 -14.08
CA PRO A 161 -17.31 -6.91 -15.12
CA PRO A 161 -17.21 -6.94 -15.12
C PRO A 161 -17.38 -5.49 -15.62
C PRO A 161 -17.23 -5.52 -15.68
N THR A 162 -16.82 -4.53 -14.90
CA THR A 162 -16.85 -3.13 -15.30
C THR A 162 -15.53 -2.65 -15.93
N ASP A 163 -14.60 -3.57 -16.22
CA ASP A 163 -13.30 -3.17 -16.75
C ASP A 163 -13.43 -2.22 -17.94
N LYS A 164 -14.34 -2.51 -18.87
N LYS A 164 -14.33 -2.52 -18.87
CA LYS A 164 -14.42 -1.73 -20.10
CA LYS A 164 -14.42 -1.73 -20.10
C LYS A 164 -14.89 -0.30 -19.87
C LYS A 164 -14.87 -0.30 -19.86
N GLU A 165 -15.47 -0.02 -18.70
CA GLU A 165 -15.95 1.32 -18.37
C GLU A 165 -14.88 2.21 -17.75
N VAL A 166 -13.78 1.64 -17.28
CA VAL A 166 -12.80 2.38 -16.50
C VAL A 166 -11.85 3.13 -17.44
N ASP A 167 -11.65 4.42 -17.17
CA ASP A 167 -10.77 5.26 -17.98
C ASP A 167 -9.39 5.46 -17.38
N ARG A 168 -9.24 5.37 -16.06
N ARG A 168 -9.25 5.37 -16.05
CA ARG A 168 -8.01 5.73 -15.40
CA ARG A 168 -7.99 5.67 -15.38
C ARG A 168 -8.03 5.09 -14.03
C ARG A 168 -7.97 4.92 -14.05
N GLU A 169 -6.86 4.69 -13.53
N GLU A 169 -6.77 4.58 -13.58
CA GLU A 169 -6.80 3.98 -12.26
CA GLU A 169 -6.59 3.82 -12.35
C GLU A 169 -5.54 4.36 -11.49
C GLU A 169 -5.51 4.45 -11.47
N TYR A 170 -5.69 4.32 -10.15
CA TYR A 170 -4.62 4.59 -9.20
C TYR A 170 -4.76 3.65 -8.00
N VAL A 171 -3.70 3.60 -7.20
CA VAL A 171 -3.66 2.85 -5.94
C VAL A 171 -3.52 3.84 -4.79
N LEU A 172 -4.35 3.68 -3.76
N LEU A 172 -4.29 3.63 -3.72
CA LEU A 172 -4.23 4.46 -2.52
CA LEU A 172 -4.26 4.49 -2.54
C LEU A 172 -4.14 3.52 -1.33
C LEU A 172 -4.27 3.65 -1.27
N ILE A 173 -3.33 3.91 -0.36
CA ILE A 173 -3.16 3.15 0.87
C ILE A 173 -3.32 4.11 2.04
N GLN A 174 -4.06 3.69 3.08
CA GLN A 174 -4.20 4.43 4.31
C GLN A 174 -3.37 3.76 5.42
N ASN A 175 -2.65 4.56 6.20
CA ASN A 175 -1.97 4.06 7.40
C ASN A 175 -1.95 5.12 8.48
N GLU A 176 -1.62 4.71 9.70
CA GLU A 176 -1.42 5.60 10.83
C GLU A 176 0.05 5.70 11.19
N TRP A 177 0.40 6.80 11.88
CA TRP A 177 1.70 6.97 12.52
C TRP A 177 1.47 7.38 13.97
N TYR A 178 2.29 6.82 14.86
CA TYR A 178 2.23 7.00 16.32
C TYR A 178 3.53 7.66 16.80
N LYS A 179 3.63 7.86 18.11
CA LYS A 179 4.90 8.30 18.71
C LYS A 179 5.99 7.26 18.42
N TYR A 180 7.20 7.75 18.18
N TYR A 180 7.19 7.75 18.12
CA TYR A 180 8.24 6.92 17.57
CA TYR A 180 8.22 6.89 17.52
C TYR A 180 8.55 5.68 18.40
C TYR A 180 8.49 5.68 18.40
N ASN A 181 8.37 4.51 17.80
CA ASN A 181 8.75 3.22 18.40
C ASN A 181 8.29 3.09 19.85
N ASP A 182 7.07 3.56 20.14
CA ASP A 182 6.54 3.61 21.50
C ASP A 182 5.42 2.59 21.62
N MET A 183 5.74 1.42 22.20
N MET A 183 5.76 1.42 22.17
CA MET A 183 4.76 0.34 22.25
CA MET A 183 4.80 0.33 22.31
C MET A 183 3.56 0.67 23.14
C MET A 183 3.56 0.79 23.05
N ASN A 184 3.72 1.50 24.16
CA ASN A 184 2.56 1.91 24.94
C ASN A 184 1.61 2.73 24.08
N ASP A 185 2.15 3.69 23.33
CA ASP A 185 1.32 4.48 22.43
C ASP A 185 0.70 3.62 21.34
N PHE A 186 1.48 2.70 20.78
CA PHE A 186 0.95 1.84 19.71
C PHE A 186 -0.27 1.06 20.19
N GLN A 187 -0.24 0.60 21.46
N GLN A 187 -0.29 0.60 21.44
CA GLN A 187 -1.32 -0.24 22.02
CA GLN A 187 -1.41 -0.23 21.86
C GLN A 187 -2.50 0.57 22.53
C GLN A 187 -2.47 0.51 22.67
N ASN A 188 -2.23 1.75 23.12
CA ASN A 188 -3.18 2.45 23.97
C ASN A 188 -3.49 3.88 23.55
N GLY A 189 -2.77 4.45 22.61
CA GLY A 189 -2.91 5.84 22.25
C GLY A 189 -3.61 6.08 20.93
N VAL A 190 -4.17 7.27 20.76
CA VAL A 190 -4.72 7.66 19.46
C VAL A 190 -3.59 7.88 18.48
N PRO A 191 -3.81 7.68 17.18
CA PRO A 191 -2.76 7.98 16.20
C PRO A 191 -2.45 9.48 16.18
N SER A 192 -1.17 9.79 15.99
CA SER A 192 -0.75 11.17 15.84
C SER A 192 -1.07 11.69 14.45
N TYR A 193 -0.93 10.84 13.44
N TYR A 193 -0.93 10.84 13.44
CA TYR A 193 -1.21 11.14 12.05
CA TYR A 193 -1.26 11.15 12.07
C TYR A 193 -1.93 9.96 11.42
C TYR A 193 -1.98 9.96 11.46
N VAL A 194 -2.83 10.25 10.49
CA VAL A 194 -3.43 9.24 9.63
C VAL A 194 -3.26 9.77 8.22
N VAL A 195 -2.84 8.93 7.28
CA VAL A 195 -2.30 9.41 6.02
C VAL A 195 -2.68 8.50 4.86
N PHE A 196 -2.69 9.10 3.66
CA PHE A 196 -2.76 8.38 2.40
C PHE A 196 -1.43 8.48 1.65
N SER A 197 -1.17 7.44 0.85
CA SER A 197 -0.08 7.40 -0.11
C SER A 197 -0.60 6.77 -1.39
N SER A 198 0.10 7.02 -2.49
N SER A 198 0.14 6.97 -2.48
CA SER A 198 -0.23 6.40 -3.77
CA SER A 198 -0.23 6.44 -3.79
C SER A 198 0.98 5.65 -4.29
C SER A 198 0.97 5.72 -4.40
N LYS A 199 0.75 4.49 -4.89
CA LYS A 199 1.82 3.66 -5.44
C LYS A 199 1.58 3.40 -6.92
N ALA A 200 2.63 3.53 -7.72
CA ALA A 200 2.49 3.60 -9.18
C ALA A 200 2.12 2.25 -9.79
N LEU A 201 1.14 2.28 -10.69
N LEU A 201 1.02 2.22 -10.52
CA LEU A 201 0.78 1.14 -11.53
CA LEU A 201 0.55 1.03 -11.20
C LEU A 201 1.38 1.20 -12.93
C LEU A 201 1.09 0.95 -12.62
N LYS A 202 1.49 2.40 -13.51
N LYS A 202 2.01 1.83 -12.99
CA LYS A 202 1.98 2.62 -14.85
CA LYS A 202 2.61 1.88 -14.31
C LYS A 202 3.02 3.73 -14.83
C LYS A 202 3.67 2.97 -14.29
N PRO A 203 3.93 3.75 -15.81
N PRO A 203 4.70 2.88 -15.11
CA PRO A 203 4.92 4.82 -15.87
CA PRO A 203 5.75 3.90 -15.10
C PRO A 203 4.24 6.18 -15.85
C PRO A 203 5.18 5.30 -15.31
N GLY A 204 4.78 7.09 -15.05
N GLY A 204 5.07 6.07 -14.23
CA GLY A 204 4.25 8.42 -14.91
CA GLY A 204 4.56 7.43 -14.33
C GLY A 204 3.31 8.59 -13.73
C GLY A 204 3.62 7.83 -13.21
N ASP A 205 2.80 7.50 -13.16
N ASP A 205 2.77 6.89 -12.79
CA ASP A 205 2.02 7.61 -11.95
CA ASP A 205 1.81 7.14 -11.70
C ASP A 205 2.91 8.07 -10.80
C ASP A 205 2.57 7.67 -10.49
N PRO A 206 2.36 8.83 -9.85
N PRO A 206 1.96 8.55 -9.68
CA PRO A 206 3.13 9.17 -8.66
CA PRO A 206 2.65 9.02 -8.48
C PRO A 206 3.41 7.93 -7.82
C PRO A 206 3.01 7.88 -7.52
N ASN A 207 4.46 8.02 -7.00
N ASN A 207 4.26 7.87 -7.07
CA ASN A 207 4.79 6.98 -6.05
CA ASN A 207 4.74 6.95 -6.05
C ASN A 207 5.27 7.67 -4.79
C ASN A 207 5.17 7.78 -4.85
N THR A 208 4.45 7.63 -3.74
CA THR A 208 4.64 8.47 -2.57
C THR A 208 4.61 7.60 -1.30
N ASN A 209 5.00 8.21 -0.18
CA ASN A 209 4.94 7.58 1.13
C ASN A 209 3.80 8.15 1.94
N GLY A 210 3.48 7.48 3.05
CA GLY A 210 2.39 7.90 3.92
C GLY A 210 2.73 9.16 4.67
N ASP A 211 2.20 10.29 4.20
CA ASP A 211 2.47 11.59 4.80
C ASP A 211 1.19 12.42 4.73
N THR A 212 1.19 13.55 5.43
CA THR A 212 -0.02 14.36 5.58
C THR A 212 -0.23 15.37 4.45
N PHE A 213 0.67 15.44 3.46
CA PHE A 213 0.70 16.62 2.58
C PHE A 213 0.93 16.34 1.10
N THR A 214 1.61 15.27 0.70
CA THR A 214 2.04 15.19 -0.70
C THR A 214 0.86 15.12 -1.65
N LEU A 215 -0.17 14.34 -1.33
CA LEU A 215 -1.31 14.18 -2.23
C LEU A 215 -2.30 15.34 -2.14
N LYS A 216 -2.08 16.29 -1.22
CA LYS A 216 -2.76 17.58 -1.27
C LYS A 216 -2.04 18.54 -2.21
N GLU A 217 -0.71 18.61 -2.11
CA GLU A 217 0.08 19.58 -2.87
C GLU A 217 0.29 19.14 -4.30
N LYS A 218 0.33 17.83 -4.53
N LYS A 218 0.33 17.82 -4.54
CA LYS A 218 0.53 17.21 -5.84
CA LYS A 218 0.46 17.24 -5.87
C LYS A 218 -0.62 16.23 -6.01
C LYS A 218 -0.69 16.26 -6.05
N PRO A 219 -1.80 16.71 -6.36
N PRO A 219 -1.90 16.76 -6.33
CA PRO A 219 -2.98 15.85 -6.44
CA PRO A 219 -3.06 15.87 -6.45
C PRO A 219 -2.83 14.81 -7.54
C PRO A 219 -2.88 14.83 -7.55
N LEU A 220 -3.57 13.71 -7.37
CA LEU A 220 -3.78 12.78 -8.48
C LEU A 220 -4.54 13.53 -9.59
N LEU A 221 -4.32 13.14 -10.83
CA LEU A 221 -4.89 13.85 -11.98
C LEU A 221 -5.91 13.02 -12.73
N ALA A 222 -6.96 13.66 -13.23
CA ALA A 222 -7.93 12.99 -14.09
C ALA A 222 -8.59 14.01 -15.01
N LYS A 223 -9.37 13.53 -15.97
N LYS A 223 -9.45 13.52 -15.89
CA LYS A 223 -10.10 14.41 -16.87
CA LYS A 223 -10.12 14.32 -16.90
C LYS A 223 -11.60 14.33 -16.64
C LYS A 223 -11.63 14.31 -16.67
N VAL A 224 -12.27 15.44 -16.97
CA VAL A 224 -13.72 15.56 -16.80
C VAL A 224 -14.43 14.43 -17.53
N GLY A 225 -15.38 13.80 -16.84
CA GLY A 225 -16.19 12.75 -17.40
C GLY A 225 -15.65 11.35 -17.21
N GLU A 226 -14.42 11.21 -16.73
CA GLU A 226 -13.82 9.89 -16.59
C GLU A 226 -14.43 9.08 -15.45
N LYS A 227 -14.44 7.76 -15.67
CA LYS A 227 -14.63 6.81 -14.60
C LYS A 227 -13.26 6.38 -14.09
N ILE A 228 -13.04 6.58 -12.80
CA ILE A 228 -11.78 6.32 -12.11
C ILE A 228 -11.95 5.05 -11.27
N ARG A 229 -10.95 4.17 -11.34
CA ARG A 229 -10.84 3.04 -10.42
C ARG A 229 -9.72 3.32 -9.42
N LEU A 230 -10.01 3.11 -8.13
CA LEU A 230 -8.97 3.09 -7.12
C LEU A 230 -8.88 1.69 -6.53
N TYR A 231 -7.66 1.16 -6.46
CA TYR A 231 -7.34 -0.02 -5.67
C TYR A 231 -6.91 0.50 -4.31
N ILE A 232 -7.64 0.14 -3.24
CA ILE A 232 -7.41 0.75 -1.94
C ILE A 232 -7.20 -0.33 -0.88
N ASN A 233 -6.39 0.00 0.13
CA ASN A 233 -6.26 -0.84 1.30
C ASN A 233 -5.96 0.04 2.49
N ASN A 234 -6.62 -0.25 3.62
CA ASN A 234 -6.35 0.36 4.91
C ASN A 234 -5.46 -0.59 5.70
N VAL A 235 -4.14 -0.28 5.78
CA VAL A 235 -3.22 -1.18 6.45
C VAL A 235 -3.18 -0.98 7.96
N GLY A 236 -3.85 0.03 8.50
CA GLY A 236 -3.85 0.24 9.93
C GLY A 236 -2.58 0.91 10.42
N PRO A 237 -2.01 0.44 11.55
CA PRO A 237 -2.24 -0.86 12.17
C PRO A 237 -3.56 -1.07 12.90
N ASN A 238 -4.17 0.00 13.41
CA ASN A 238 -5.20 -0.14 14.44
C ASN A 238 -6.59 0.30 14.05
N GLU A 239 -6.74 1.25 13.14
CA GLU A 239 -8.02 1.87 12.86
C GLU A 239 -8.71 1.22 11.68
N VAL A 240 -10.04 1.30 11.68
CA VAL A 240 -10.84 1.04 10.49
C VAL A 240 -10.96 2.33 9.69
N SER A 241 -11.43 2.23 8.44
CA SER A 241 -11.50 3.37 7.53
C SER A 241 -12.87 3.48 6.88
N SER A 242 -13.35 4.71 6.77
CA SER A 242 -14.66 5.02 6.18
C SER A 242 -14.39 5.76 4.86
N PHE A 243 -14.06 5.01 3.82
CA PHE A 243 -13.44 5.61 2.63
C PHE A 243 -14.48 6.30 1.74
N HIS A 244 -14.24 7.57 1.38
CA HIS A 244 -15.21 8.38 0.66
C HIS A 244 -14.50 9.35 -0.28
N VAL A 245 -15.03 9.51 -1.50
CA VAL A 245 -14.59 10.54 -2.44
C VAL A 245 -15.65 11.63 -2.49
N VAL A 246 -15.25 12.87 -2.19
CA VAL A 246 -16.16 14.01 -2.18
C VAL A 246 -16.65 14.31 -3.58
N GLY A 247 -17.94 14.60 -3.72
CA GLY A 247 -18.49 15.06 -5.00
C GLY A 247 -18.87 13.95 -5.95
N THR A 248 -18.81 12.70 -5.52
CA THR A 248 -19.21 11.56 -6.33
C THR A 248 -19.82 10.50 -5.42
N VAL A 249 -20.26 9.41 -6.05
CA VAL A 249 -20.77 8.22 -5.38
C VAL A 249 -20.05 7.05 -6.05
N PHE A 250 -19.72 5.99 -5.31
CA PHE A 250 -19.08 4.85 -5.97
C PHE A 250 -20.12 4.12 -6.81
N ASP A 251 -19.88 4.08 -8.13
CA ASP A 251 -20.76 3.33 -9.02
C ASP A 251 -20.72 1.85 -8.69
N ASP A 252 -19.52 1.31 -8.48
CA ASP A 252 -19.31 -0.11 -8.23
C ASP A 252 -18.18 -0.26 -7.22
N VAL A 253 -18.32 -1.24 -6.34
CA VAL A 253 -17.35 -1.57 -5.31
C VAL A 253 -17.20 -3.08 -5.30
N TYR A 254 -15.95 -3.57 -5.25
CA TYR A 254 -15.65 -4.99 -5.10
C TYR A 254 -14.88 -5.17 -3.81
N LEU A 255 -15.51 -5.77 -2.79
CA LEU A 255 -14.86 -5.89 -1.49
C LEU A 255 -13.66 -6.83 -1.59
N ASP A 256 -12.55 -6.38 -1.01
CA ASP A 256 -11.24 -7.03 -1.10
C ASP A 256 -10.75 -7.20 -2.52
N GLY A 257 -11.37 -6.51 -3.49
CA GLY A 257 -11.02 -6.71 -4.88
C GLY A 257 -11.41 -8.05 -5.46
N ASN A 258 -12.27 -8.83 -4.81
CA ASN A 258 -12.76 -10.04 -5.41
C ASN A 258 -13.97 -9.69 -6.27
N PRO A 259 -13.99 -10.03 -7.57
CA PRO A 259 -15.10 -9.60 -8.44
C PRO A 259 -16.49 -10.05 -7.98
N ASN A 260 -16.58 -11.10 -7.17
CA ASN A 260 -17.87 -11.59 -6.71
C ASN A 260 -18.50 -10.68 -5.66
N ASN A 261 -17.72 -9.87 -4.96
CA ASN A 261 -18.23 -9.14 -3.80
C ASN A 261 -18.66 -7.74 -4.21
N HIS A 262 -19.72 -7.69 -5.01
N HIS A 262 -19.69 -7.72 -5.05
CA HIS A 262 -20.03 -6.53 -5.86
CA HIS A 262 -20.09 -6.54 -5.79
C HIS A 262 -21.19 -5.70 -5.28
C HIS A 262 -21.15 -5.77 -5.04
N LEU A 263 -20.88 -4.49 -4.81
CA LEU A 263 -21.85 -3.52 -4.32
C LEU A 263 -21.96 -2.38 -5.33
N GLN A 264 -23.07 -1.66 -5.28
CA GLN A 264 -23.31 -0.54 -6.20
C GLN A 264 -23.80 0.69 -5.45
N GLY A 265 -23.41 1.86 -5.94
CA GLY A 265 -24.00 3.09 -5.43
C GLY A 265 -23.71 3.37 -3.97
N MET A 266 -22.51 3.06 -3.51
N MET A 266 -22.50 3.11 -3.53
CA MET A 266 -22.11 3.31 -2.13
CA MET A 266 -22.11 3.36 -2.16
C MET A 266 -21.53 4.72 -1.98
C MET A 266 -21.55 4.76 -2.01
N GLN A 267 -21.97 5.44 -0.94
CA GLN A 267 -21.34 6.72 -0.64
C GLN A 267 -19.96 6.54 -0.02
N THR A 268 -19.82 5.53 0.83
CA THR A 268 -18.66 5.34 1.70
C THR A 268 -18.45 3.85 1.88
N VAL A 269 -17.18 3.41 1.84
CA VAL A 269 -16.84 1.99 1.96
C VAL A 269 -16.14 1.74 3.29
N MET A 270 -16.74 0.88 4.12
CA MET A 270 -16.18 0.49 5.42
C MET A 270 -15.06 -0.53 5.18
N LEU A 271 -13.83 -0.19 5.58
CA LEU A 271 -12.69 -1.09 5.47
C LEU A 271 -12.21 -1.48 6.86
N PRO A 272 -12.14 -2.77 7.17
CA PRO A 272 -11.46 -3.19 8.41
C PRO A 272 -9.98 -2.84 8.33
N ALA A 273 -9.29 -2.99 9.45
CA ALA A 273 -7.82 -2.96 9.40
C ALA A 273 -7.35 -4.14 8.57
N SER A 274 -6.52 -3.85 7.54
CA SER A 274 -6.06 -4.72 6.46
C SER A 274 -7.07 -4.87 5.32
N GLY A 275 -8.22 -4.20 5.41
CA GLY A 275 -9.24 -4.36 4.41
C GLY A 275 -8.92 -3.64 3.11
N GLY A 276 -9.27 -4.30 2.00
CA GLY A 276 -9.09 -3.76 0.68
C GLY A 276 -10.40 -3.61 -0.09
N ALA A 277 -10.31 -2.92 -1.22
CA ALA A 277 -11.43 -2.81 -2.14
C ALA A 277 -10.92 -2.33 -3.48
N VAL A 278 -11.72 -2.60 -4.51
CA VAL A 278 -11.66 -1.90 -5.80
C VAL A 278 -12.91 -1.03 -5.83
N VAL A 279 -12.75 0.29 -5.99
CA VAL A 279 -13.87 1.22 -6.04
C VAL A 279 -13.80 2.00 -7.34
N GLU A 280 -14.97 2.31 -7.91
CA GLU A 280 -15.05 3.00 -9.19
C GLU A 280 -16.09 4.10 -9.10
N PHE A 281 -15.78 5.28 -9.67
CA PHE A 281 -16.65 6.43 -9.56
C PHE A 281 -16.39 7.35 -10.74
N THR A 282 -17.39 8.18 -11.04
CA THR A 282 -17.34 9.10 -12.17
C THR A 282 -17.18 10.54 -11.65
N VAL A 283 -16.27 11.29 -12.27
CA VAL A 283 -16.06 12.70 -11.97
C VAL A 283 -16.68 13.53 -13.10
N THR A 284 -17.73 14.27 -12.79
CA THR A 284 -18.56 14.86 -13.84
C THR A 284 -18.22 16.30 -14.19
N ARG A 285 -17.44 16.98 -13.37
CA ARG A 285 -17.19 18.41 -13.51
C ARG A 285 -15.73 18.72 -13.21
N PRO A 286 -15.19 19.79 -13.81
CA PRO A 286 -13.82 20.18 -13.46
C PRO A 286 -13.76 20.68 -12.03
N GLY A 287 -12.64 20.41 -11.38
CA GLY A 287 -12.40 20.90 -10.04
C GLY A 287 -11.48 19.97 -9.28
N THR A 288 -11.31 20.28 -8.00
CA THR A 288 -10.51 19.44 -7.10
C THR A 288 -11.45 18.72 -6.14
N TYR A 289 -11.27 17.40 -6.06
CA TYR A 289 -12.12 16.49 -5.32
C TYR A 289 -11.33 15.89 -4.16
N PRO A 290 -11.65 16.20 -2.91
CA PRO A 290 -10.98 15.52 -1.79
C PRO A 290 -11.35 14.06 -1.71
N ILE A 291 -10.41 13.29 -1.17
CA ILE A 291 -10.54 11.87 -0.89
C ILE A 291 -10.22 11.69 0.59
N VAL A 292 -11.12 11.10 1.36
CA VAL A 292 -11.00 11.09 2.82
C VAL A 292 -11.28 9.71 3.40
N THR A 293 -10.83 9.51 4.64
CA THR A 293 -11.59 8.69 5.57
C THR A 293 -12.57 9.61 6.28
N HIS A 294 -13.83 9.19 6.33
CA HIS A 294 -14.90 10.04 6.87
C HIS A 294 -14.97 9.99 8.39
N GLN A 295 -14.08 9.21 9.02
CA GLN A 295 -13.80 9.37 10.45
C GLN A 295 -12.97 10.65 10.55
N PHE A 296 -13.65 11.77 10.82
CA PHE A 296 -13.05 13.07 10.52
C PHE A 296 -11.95 13.46 11.47
N ASN A 297 -11.85 12.84 12.64
CA ASN A 297 -10.66 13.01 13.46
C ASN A 297 -9.40 12.57 12.71
N HIS A 298 -9.50 11.45 12.00
CA HIS A 298 -8.38 10.94 11.20
C HIS A 298 -8.11 11.84 9.98
N ALA A 299 -9.16 12.29 9.31
CA ALA A 299 -8.99 13.23 8.20
C ALA A 299 -8.27 14.49 8.67
N GLN A 300 -8.67 15.02 9.83
CA GLN A 300 -8.04 16.22 10.35
C GLN A 300 -6.56 15.99 10.66
N LYS A 301 -6.19 14.77 11.05
CA LYS A 301 -4.83 14.39 11.38
C LYS A 301 -4.05 13.89 10.16
N GLY A 302 -4.53 14.17 8.96
CA GLY A 302 -3.76 14.00 7.74
C GLY A 302 -4.42 13.28 6.59
N ALA A 303 -5.51 12.56 6.85
CA ALA A 303 -6.01 11.57 5.89
C ALA A 303 -7.00 12.21 4.91
N VAL A 304 -6.44 13.12 4.10
CA VAL A 304 -7.12 13.76 2.99
C VAL A 304 -6.12 13.80 1.83
N ALA A 305 -6.49 13.20 0.70
CA ALA A 305 -5.78 13.29 -0.56
C ALA A 305 -6.66 14.10 -1.52
N MET A 306 -6.09 14.52 -2.66
N MET A 306 -6.11 14.46 -2.67
CA MET A 306 -6.82 15.33 -3.62
CA MET A 306 -6.86 15.30 -3.61
C MET A 306 -6.74 14.71 -5.00
C MET A 306 -6.73 14.79 -5.03
N LEU A 307 -7.83 14.84 -5.76
CA LEU A 307 -7.91 14.46 -7.17
C LEU A 307 -8.30 15.71 -7.97
N LYS A 308 -7.41 16.16 -8.84
CA LYS A 308 -7.62 17.34 -9.66
C LYS A 308 -8.11 16.92 -11.04
N VAL A 309 -9.31 17.37 -11.39
CA VAL A 309 -10.02 16.97 -12.60
C VAL A 309 -10.07 18.16 -13.53
N THR A 310 -9.46 18.03 -14.71
CA THR A 310 -9.36 19.12 -15.66
C THR A 310 -10.00 18.73 -16.98
N GLU A 311 -10.21 19.73 -17.82
CA GLU A 311 -10.83 19.46 -19.11
C GLU A 311 -9.94 18.55 -19.99
N THR A 312 -8.63 18.52 -19.74
CA THR A 312 -7.73 17.67 -20.52
C THR A 312 -7.10 16.51 -19.75
N GLY A 313 -7.10 16.55 -18.41
CA GLY A 313 -6.38 15.56 -17.63
C GLY A 313 -4.94 15.90 -17.35
N GLU A 314 -4.46 17.03 -17.86
CA GLU A 314 -3.13 17.54 -17.62
C GLU A 314 -3.19 18.57 -16.50
N ASP A 315 -2.07 18.74 -15.80
CA ASP A 315 -1.98 19.78 -14.79
C ASP A 315 -1.45 21.08 -15.39
CU CU B . 10.09 -5.32 10.62
CU CU C . -1.83 -9.60 8.50
C1 MPD D . -7.44 0.73 -19.25
C2 MPD D . -7.36 0.97 -17.74
O2 MPD D . -6.08 0.52 -17.26
CM MPD D . -7.47 2.46 -17.46
C3 MPD D . -8.49 0.25 -17.01
C4 MPD D . -8.33 -1.26 -16.87
O4 MPD D . -7.25 -1.56 -16.00
C5 MPD D . -9.59 -1.84 -16.26
N NO2 E . -1.35 -11.33 10.31
N NO2 E . -1.36 -10.50 10.40
N NO2 E . -1.70 -10.83 10.48
O1 NO2 E . -1.48 -9.92 10.39
O1 NO2 E . -2.54 -11.21 10.86
O1 NO2 E . -0.45 -11.23 11.07
O2 NO2 E . -1.87 -11.73 9.03
O2 NO2 E . -0.24 -11.42 10.44
O2 NO2 E . -1.79 -11.39 9.15
C1 MPD F . -24.82 10.27 -14.52
C2 MPD F . -23.85 9.45 -13.69
O2 MPD F . -24.52 8.99 -12.48
CM MPD F . -22.66 10.31 -13.29
C3 MPD F . -23.37 8.23 -14.47
C4 MPD F . -22.26 7.54 -13.72
O4 MPD F . -22.62 7.47 -12.36
C5 MPD F . -22.02 6.13 -14.25
CU CU G . 12.35 -19.27 -8.35
CU CU H . -0.94 -21.86 -17.71
CU CU I . -20.25 8.93 -7.99
CU CU J . -15.53 7.01 -19.71
CL CL K . -1.43 -11.03 10.08
#